data_3GRE
#
_entry.id   3GRE
#
_cell.length_a   85.493
_cell.length_b   85.493
_cell.length_c   132.821
_cell.angle_alpha   90.000
_cell.angle_beta   90.000
_cell.angle_gamma   120.000
#
_symmetry.space_group_name_H-M   'P 31 2 1'
#
loop_
_entity.id
_entity.type
_entity.pdbx_description
1 polymer 'Serine/threonine-protein kinase VPS15'
2 water water
#
_entity_poly.entity_id   1
_entity_poly.type   'polypeptide(L)'
_entity_poly.pdbx_seq_one_letter_code
;MGHHHHHHGEGDVESIEKFLSTFKILPPLRDYKEFGPIQEIVRSPNMGNLRGKLIATLMENEPNSITSSAVSPGETPYLI
TGSDQGVIKIWNLKEIIVGEVYSSSLTYDCSSTVTQITMIPNFDAFAVSSKDGQIIVLKVNHYQQESEVKFLNCECIRKI
NLKNFGKNEYAVRMRAFVNEEKSLLVALTNLSRVIIFDIRTLERLQIIENSPRHGAVSSICIDEECCVLILGTTRGIIDI
WDIRFNVLIRSWSFGDHAPITHVEVCQFYGKNSVIVVGGSSKTFLTIWNFVKGHCQYAFINSDEQPSMEHFLPIEKGLEE
LNFCGIRSLNALSTISVSNDKILLTDEATSSIVMFSLNELSSSKAVISPSRFSDVFIPTQVTANLTMLLRKMKRTSTHSV
DDSLYHHDIINSISTCEVDETPLLVACDNSGLIGIFQ
;
_entity_poly.pdbx_strand_id   A
#
# COMPACT_ATOMS: atom_id res chain seq x y z
N GLU A 14 -26.04 -15.22 -21.62
CA GLU A 14 -24.59 -14.92 -21.83
C GLU A 14 -24.13 -15.10 -23.29
N SER A 15 -23.06 -14.39 -23.64
CA SER A 15 -22.34 -14.58 -24.90
C SER A 15 -20.86 -14.36 -24.62
N ILE A 16 -19.99 -15.10 -25.32
CA ILE A 16 -18.55 -14.97 -25.07
C ILE A 16 -17.77 -14.29 -26.21
N GLU A 17 -18.42 -13.93 -27.30
CA GLU A 17 -17.70 -13.42 -28.48
C GLU A 17 -16.89 -12.15 -28.17
N LYS A 18 -17.52 -11.24 -27.42
CA LYS A 18 -16.90 -10.00 -26.97
C LYS A 18 -15.63 -10.21 -26.10
N PHE A 19 -15.47 -11.41 -25.55
CA PHE A 19 -14.41 -11.70 -24.56
C PHE A 19 -13.24 -12.49 -25.14
N LEU A 20 -13.29 -12.80 -26.44
CA LEU A 20 -12.28 -13.63 -27.09
C LEU A 20 -11.16 -12.80 -27.73
N SER A 21 -11.20 -11.47 -27.52
CA SER A 21 -10.21 -10.54 -28.11
C SER A 21 -10.19 -10.59 -29.62
N THR A 22 -11.30 -10.96 -30.23
CA THR A 22 -11.39 -10.96 -31.68
C THR A 22 -11.29 -9.54 -32.28
N PHE A 23 -11.77 -8.55 -31.52
CA PHE A 23 -11.84 -7.14 -32.02
C PHE A 23 -10.84 -6.22 -31.35
N ILE A 25 -12.73 -4.74 -28.07
CA ILE A 25 -11.42 -4.54 -27.48
C ILE A 25 -11.54 -4.51 -25.97
N LEU A 26 -12.57 -3.81 -25.50
CA LEU A 26 -13.04 -3.96 -24.14
C LEU A 26 -13.62 -5.39 -24.10
N PRO A 27 -14.81 -5.63 -23.52
CA PRO A 27 -15.67 -4.80 -22.69
C PRO A 27 -14.92 -4.34 -21.43
N PRO A 28 -15.49 -3.34 -20.72
CA PRO A 28 -14.82 -2.90 -19.50
C PRO A 28 -14.85 -4.02 -18.45
N LEU A 29 -14.01 -3.91 -17.42
CA LEU A 29 -13.92 -4.92 -16.37
C LEU A 29 -15.28 -5.20 -15.71
N ARG A 30 -16.06 -4.15 -15.49
CA ARG A 30 -17.42 -4.30 -14.93
C ARG A 30 -18.35 -5.25 -15.72
N ASP A 31 -18.00 -5.58 -16.96
CA ASP A 31 -18.77 -6.53 -17.80
C ASP A 31 -18.35 -7.99 -17.68
N TYR A 32 -17.29 -8.24 -16.92
CA TYR A 32 -16.80 -9.60 -16.69
C TYR A 32 -17.46 -10.15 -15.45
N LYS A 33 -18.47 -10.97 -15.66
CA LYS A 33 -19.33 -11.42 -14.58
C LYS A 33 -18.60 -12.23 -13.47
N GLU A 34 -17.47 -12.87 -13.79
CA GLU A 34 -16.74 -13.68 -12.78
C GLU A 34 -16.13 -12.82 -11.65
N PHE A 35 -16.01 -11.50 -11.90
CA PHE A 35 -15.53 -10.55 -10.89
C PHE A 35 -16.65 -10.10 -9.94
N GLY A 36 -17.88 -10.51 -10.25
CA GLY A 36 -19.08 -10.09 -9.50
C GLY A 36 -19.44 -8.65 -9.85
N PRO A 37 -20.57 -8.14 -9.33
CA PRO A 37 -20.95 -6.76 -9.67
C PRO A 37 -19.99 -5.74 -9.10
N ILE A 38 -19.76 -4.67 -9.86
CA ILE A 38 -18.98 -3.52 -9.39
C ILE A 38 -19.73 -2.94 -8.21
N GLN A 39 -18.98 -2.49 -7.21
CA GLN A 39 -19.57 -2.08 -5.94
C GLN A 39 -19.60 -0.56 -5.91
N GLU A 40 -20.53 0.01 -5.16
CA GLU A 40 -20.58 1.48 -4.99
C GLU A 40 -19.29 2.00 -4.33
N ILE A 41 -18.77 3.12 -4.83
CA ILE A 41 -17.65 3.78 -4.15
C ILE A 41 -17.99 4.05 -2.69
N VAL A 42 -17.08 3.71 -1.79
CA VAL A 42 -17.26 4.07 -0.40
C VAL A 42 -16.23 5.13 -0.04
N ARG A 43 -16.70 6.13 0.68
CA ARG A 43 -15.91 7.29 1.04
C ARG A 43 -14.77 6.91 1.97
N SER A 44 -13.79 7.82 2.12
CA SER A 44 -12.72 7.64 3.09
C SER A 44 -13.30 7.52 4.47
N PRO A 45 -12.77 6.57 5.27
CA PRO A 45 -13.15 6.48 6.68
C PRO A 45 -12.68 7.70 7.46
N ASN A 46 -13.45 8.06 8.49
CA ASN A 46 -13.16 9.23 9.31
C ASN A 46 -12.22 8.87 10.45
N MET A 47 -10.94 8.74 10.12
CA MET A 47 -9.95 8.21 11.04
C MET A 47 -9.66 9.14 12.20
N GLY A 48 -9.90 10.44 12.00
CA GLY A 48 -9.71 11.42 13.07
C GLY A 48 -10.37 11.09 14.38
N ASN A 49 -11.46 10.32 14.32
CA ASN A 49 -12.25 9.90 15.49
C ASN A 49 -11.75 8.57 16.12
N LEU A 50 -10.68 8.00 15.57
CA LEU A 50 -10.14 6.74 16.12
C LEU A 50 -9.72 6.90 17.60
N ARG A 51 -10.21 6.02 18.47
CA ARG A 51 -9.89 6.11 19.90
C ARG A 51 -8.52 5.51 20.25
N GLY A 52 -8.03 4.59 19.44
CA GLY A 52 -6.77 3.90 19.72
C GLY A 52 -6.95 2.80 20.76
N LYS A 53 -8.15 2.24 20.83
CA LYS A 53 -8.49 1.26 21.87
C LYS A 53 -8.54 -0.13 21.22
N LEU A 54 -7.68 -1.02 21.71
CA LEU A 54 -7.62 -2.40 21.20
C LEU A 54 -8.90 -3.11 21.58
N ILE A 55 -9.69 -3.52 20.60
CA ILE A 55 -10.94 -4.20 20.92
C ILE A 55 -10.91 -5.70 20.71
N ALA A 56 -9.90 -6.19 20.00
CA ALA A 56 -9.81 -7.62 19.66
C ALA A 56 -8.43 -7.96 19.15
N THR A 57 -7.99 -9.17 19.48
CA THR A 57 -6.74 -9.73 19.02
C THR A 57 -7.13 -11.08 18.42
N LEU A 58 -6.62 -11.39 17.22
CA LEU A 58 -6.94 -12.67 16.57
C LEU A 58 -5.67 -13.45 16.37
N MET A 59 -5.61 -14.64 16.98
CA MET A 59 -4.38 -15.44 16.93
C MET A 59 -4.32 -16.56 15.86
N GLU A 60 -5.35 -16.69 15.02
CA GLU A 60 -5.46 -17.85 14.10
C GLU A 60 -4.25 -18.08 13.20
N ASN A 61 -3.60 -17.01 12.72
CA ASN A 61 -2.43 -17.20 11.86
C ASN A 61 -1.17 -17.60 12.60
N GLU A 62 -1.14 -17.53 13.91
CA GLU A 62 0.10 -17.82 14.61
C GLU A 62 0.50 -19.27 14.30
N PRO A 63 1.80 -19.55 14.16
CA PRO A 63 2.96 -18.65 14.33
C PRO A 63 3.48 -18.08 13.00
N ASN A 64 2.67 -18.14 11.96
CA ASN A 64 3.08 -17.77 10.61
C ASN A 64 3.01 -16.25 10.40
N SER A 65 4.04 -15.68 9.80
CA SER A 65 4.04 -14.21 9.57
C SER A 65 2.90 -13.81 8.63
N ILE A 66 2.16 -12.73 8.97
CA ILE A 66 1.22 -12.16 8.00
C ILE A 66 2.04 -11.19 7.14
N THR A 67 2.23 -11.55 5.89
CA THR A 67 3.16 -10.82 5.01
C THR A 67 2.46 -9.67 4.26
N SER A 68 1.14 -9.75 4.15
CA SER A 68 0.34 -8.74 3.44
C SER A 68 -1.09 -8.78 3.95
N SER A 69 -1.77 -7.64 3.89
CA SER A 69 -3.17 -7.60 4.23
C SER A 69 -3.83 -6.45 3.45
N ALA A 70 -5.16 -6.49 3.37
CA ALA A 70 -5.98 -5.48 2.72
C ALA A 70 -7.36 -5.52 3.35
N VAL A 71 -8.16 -4.48 3.14
CA VAL A 71 -9.57 -4.50 3.55
C VAL A 71 -10.45 -4.14 2.35
N SER A 72 -11.57 -4.85 2.24
CA SER A 72 -12.61 -4.52 1.27
C SER A 72 -13.71 -3.76 2.02
N PRO A 73 -13.85 -2.46 1.74
CA PRO A 73 -14.81 -1.65 2.53
C PRO A 73 -16.25 -1.77 2.01
N GLY A 74 -17.22 -1.27 2.79
CA GLY A 74 -18.62 -1.29 2.40
C GLY A 74 -19.54 -1.66 3.54
N GLU A 75 -20.72 -2.19 3.21
CA GLU A 75 -21.73 -2.50 4.24
C GLU A 75 -21.31 -3.67 5.15
N THR A 76 -20.65 -4.66 4.54
CA THR A 76 -19.96 -5.72 5.26
C THR A 76 -18.47 -5.69 4.89
N PRO A 77 -17.67 -4.88 5.60
CA PRO A 77 -16.25 -4.80 5.26
C PRO A 77 -15.56 -6.09 5.71
N TYR A 78 -14.65 -6.59 4.89
CA TYR A 78 -13.85 -7.73 5.33
C TYR A 78 -12.37 -7.51 5.20
N LEU A 79 -11.61 -8.14 6.11
CA LEU A 79 -10.15 -8.12 6.08
C LEU A 79 -9.64 -9.37 5.38
N ILE A 80 -8.61 -9.21 4.56
CA ILE A 80 -7.93 -10.32 3.91
C ILE A 80 -6.50 -10.34 4.44
N THR A 81 -6.02 -11.50 4.91
CA THR A 81 -4.63 -11.64 5.33
C THR A 81 -3.94 -12.72 4.49
N GLY A 82 -2.63 -12.57 4.29
CA GLY A 82 -1.84 -13.53 3.53
C GLY A 82 -0.64 -13.90 4.35
N SER A 83 -0.31 -15.19 4.43
CA SER A 83 0.79 -15.62 5.31
C SER A 83 2.04 -16.03 4.56
N ASP A 84 3.14 -16.16 5.30
CA ASP A 84 4.40 -16.60 4.72
C ASP A 84 4.37 -18.09 4.30
N GLN A 85 3.25 -18.79 4.51
CA GLN A 85 3.08 -20.16 4.03
C GLN A 85 2.10 -20.26 2.84
N GLY A 86 1.58 -19.11 2.38
CA GLY A 86 0.60 -19.05 1.30
C GLY A 86 -0.85 -19.09 1.68
N VAL A 87 -1.13 -18.95 2.96
CA VAL A 87 -2.48 -19.06 3.43
C VAL A 87 -3.17 -17.69 3.41
N ILE A 88 -4.28 -17.63 2.68
CA ILE A 88 -5.15 -16.43 2.60
C ILE A 88 -6.36 -16.68 3.47
N LYS A 89 -6.67 -15.72 4.34
CA LYS A 89 -7.88 -15.78 5.12
C LYS A 89 -8.75 -14.54 4.96
N ILE A 90 -10.06 -14.73 5.02
CA ILE A 90 -11.06 -13.63 4.95
C ILE A 90 -11.72 -13.55 6.32
N TRP A 91 -11.82 -12.34 6.86
CA TRP A 91 -12.34 -12.11 8.20
C TRP A 91 -13.51 -11.15 8.11
N ASN A 92 -14.65 -11.55 8.66
CA ASN A 92 -15.85 -10.70 8.63
C ASN A 92 -15.74 -9.68 9.75
N LEU A 93 -15.40 -8.44 9.40
CA LEU A 93 -15.08 -7.47 10.45
C LEU A 93 -16.27 -7.16 11.37
N LYS A 94 -17.47 -7.02 10.81
CA LYS A 94 -18.66 -6.72 11.61
C LYS A 94 -18.90 -7.84 12.61
N GLU A 95 -18.82 -9.08 12.14
CA GLU A 95 -18.99 -10.24 13.00
C GLU A 95 -17.98 -10.33 14.14
N ILE A 96 -16.73 -9.95 13.86
CA ILE A 96 -15.69 -9.88 14.89
C ILE A 96 -16.05 -8.82 15.95
N ILE A 97 -16.38 -7.62 15.48
CA ILE A 97 -16.67 -6.46 16.32
C ILE A 97 -17.94 -6.66 17.13
N VAL A 98 -19.01 -7.07 16.45
CA VAL A 98 -20.33 -7.16 17.06
C VAL A 98 -20.52 -8.56 17.67
N GLY A 99 -20.44 -9.60 16.85
CA GLY A 99 -20.68 -10.97 17.31
C GLY A 99 -19.58 -11.57 18.17
N GLU A 100 -18.45 -10.89 18.29
CA GLU A 100 -17.29 -11.44 19.01
C GLU A 100 -16.97 -12.88 18.59
N VAL A 101 -17.05 -13.13 17.27
CA VAL A 101 -16.64 -14.39 16.65
C VAL A 101 -15.21 -14.22 16.10
N TYR A 102 -14.22 -14.84 16.74
CA TYR A 102 -12.82 -14.55 16.41
C TYR A 102 -12.19 -15.46 15.33
N SER A 103 -12.98 -16.29 14.68
CA SER A 103 -12.46 -17.19 13.66
C SER A 103 -12.54 -16.54 12.30
N SER A 104 -11.68 -16.96 11.38
CA SER A 104 -11.81 -16.53 9.96
C SER A 104 -13.06 -17.12 9.38
N SER A 105 -13.60 -16.46 8.35
CA SER A 105 -14.76 -16.95 7.65
C SER A 105 -14.40 -17.86 6.49
N LEU A 106 -13.25 -17.61 5.87
CA LEU A 106 -12.79 -18.37 4.72
C LEU A 106 -11.29 -18.51 4.75
N THR A 107 -10.80 -19.63 4.19
CA THR A 107 -9.36 -19.87 4.07
C THR A 107 -9.12 -20.32 2.64
N TYR A 108 -8.05 -19.82 2.03
CA TYR A 108 -7.63 -20.26 0.69
C TYR A 108 -6.10 -20.50 0.68
N ASP A 109 -5.67 -21.66 0.19
CA ASP A 109 -4.23 -21.98 0.24
C ASP A 109 -3.53 -21.82 -1.12
N CYS A 110 -2.56 -20.89 -1.18
CA CYS A 110 -1.77 -20.65 -2.41
C CYS A 110 -0.56 -21.58 -2.51
N SER A 111 -0.23 -22.25 -1.41
CA SER A 111 0.96 -23.13 -1.33
C SER A 111 2.32 -22.47 -1.57
N SER A 112 2.41 -21.14 -1.46
CA SER A 112 3.65 -20.43 -1.67
C SER A 112 3.53 -19.09 -0.95
N THR A 113 4.59 -18.70 -0.28
CA THR A 113 4.73 -17.46 0.48
C THR A 113 4.06 -16.30 -0.25
N VAL A 114 3.09 -15.68 0.41
CA VAL A 114 2.39 -14.51 -0.16
C VAL A 114 3.32 -13.30 -0.11
N THR A 115 3.43 -12.57 -1.23
CA THR A 115 4.24 -11.35 -1.20
C THR A 115 3.37 -10.11 -1.18
N GLN A 116 2.18 -10.21 -1.74
CA GLN A 116 1.29 -9.05 -1.82
C GLN A 116 -0.13 -9.48 -2.03
N ILE A 117 -1.08 -8.79 -1.35
CA ILE A 117 -2.52 -8.84 -1.63
C ILE A 117 -2.91 -7.43 -2.10
N THR A 118 -3.59 -7.35 -3.23
CA THR A 118 -3.95 -6.06 -3.85
C THR A 118 -5.40 -6.09 -4.26
N MET A 119 -6.24 -5.28 -3.62
CA MET A 119 -7.67 -5.26 -4.00
C MET A 119 -7.82 -4.86 -5.47
N ILE A 120 -8.81 -5.46 -6.12
CA ILE A 120 -9.25 -4.96 -7.40
C ILE A 120 -10.30 -3.91 -7.02
N PRO A 121 -9.96 -2.61 -7.17
CA PRO A 121 -10.83 -1.55 -6.66
C PRO A 121 -12.29 -1.68 -7.09
N ASN A 122 -13.17 -1.62 -6.09
CA ASN A 122 -14.64 -1.71 -6.20
C ASN A 122 -15.18 -3.05 -6.65
N PHE A 123 -14.38 -4.11 -6.51
CA PHE A 123 -14.90 -5.46 -6.77
C PHE A 123 -14.62 -6.31 -5.55
N ASP A 124 -15.40 -7.37 -5.35
CA ASP A 124 -15.06 -8.34 -4.32
C ASP A 124 -14.02 -9.33 -4.85
N ALA A 125 -12.88 -8.78 -5.30
CA ALA A 125 -11.79 -9.60 -5.86
C ALA A 125 -10.47 -8.97 -5.46
N PHE A 126 -9.39 -9.75 -5.42
CA PHE A 126 -8.08 -9.21 -5.08
C PHE A 126 -7.01 -10.06 -5.71
N ALA A 127 -5.90 -9.43 -6.07
CA ALA A 127 -4.77 -10.15 -6.61
C ALA A 127 -3.88 -10.62 -5.47
N VAL A 128 -3.25 -11.78 -5.66
CA VAL A 128 -2.30 -12.33 -4.70
C VAL A 128 -1.06 -12.77 -5.46
N SER A 129 0.08 -12.21 -5.12
CA SER A 129 1.32 -12.70 -5.72
C SER A 129 2.06 -13.56 -4.69
N SER A 130 2.82 -14.54 -5.18
CA SER A 130 3.51 -15.47 -4.30
C SER A 130 4.96 -15.68 -4.78
N LYS A 131 5.83 -16.16 -3.88
CA LYS A 131 7.24 -16.34 -4.18
C LYS A 131 7.56 -17.33 -5.30
N ASP A 132 6.61 -18.19 -5.62
CA ASP A 132 6.78 -19.17 -6.71
C ASP A 132 6.57 -18.57 -8.10
N GLY A 133 6.35 -17.25 -8.17
CA GLY A 133 6.13 -16.57 -9.46
C GLY A 133 4.68 -16.45 -9.91
N GLN A 134 3.75 -17.06 -9.18
CA GLN A 134 2.33 -17.01 -9.51
CA GLN A 134 2.35 -16.99 -9.58
C GLN A 134 1.70 -15.67 -9.12
N ILE A 135 0.77 -15.20 -9.92
CA ILE A 135 -0.14 -14.11 -9.54
C ILE A 135 -1.50 -14.63 -9.87
N ILE A 136 -2.42 -14.61 -8.89
CA ILE A 136 -3.79 -15.01 -9.14
C ILE A 136 -4.72 -13.87 -8.77
N VAL A 137 -5.95 -13.92 -9.28
CA VAL A 137 -6.99 -13.07 -8.72
C VAL A 137 -8.02 -14.02 -8.10
N LEU A 138 -8.39 -13.74 -6.84
CA LEU A 138 -9.40 -14.48 -6.10
C LEU A 138 -10.67 -13.67 -5.99
N LYS A 139 -11.77 -14.30 -6.38
CA LYS A 139 -13.08 -13.72 -6.20
C LYS A 139 -13.66 -14.18 -4.84
N VAL A 140 -14.23 -13.25 -4.07
CA VAL A 140 -14.86 -13.58 -2.80
C VAL A 140 -16.36 -13.78 -3.05
N ASN A 141 -16.81 -15.02 -2.93
CA ASN A 141 -18.22 -15.35 -3.16
C ASN A 141 -18.98 -15.34 -1.84
N HIS A 142 -20.16 -14.74 -1.86
CA HIS A 142 -20.96 -14.62 -0.67
C HIS A 142 -22.45 -14.59 -1.02
N TYR A 143 -23.29 -14.71 -0.01
CA TYR A 143 -24.73 -14.71 -0.19
C TYR A 143 -25.38 -14.22 1.09
N GLN A 144 -26.67 -13.92 0.98
CA GLN A 144 -27.45 -13.33 2.07
C GLN A 144 -28.20 -14.38 2.86
N GLN A 145 -28.00 -14.39 4.17
CA GLN A 145 -28.78 -15.24 5.04
C GLN A 145 -29.30 -14.45 6.24
N GLU A 146 -30.63 -14.33 6.31
CA GLU A 146 -31.31 -13.56 7.36
C GLU A 146 -30.80 -12.11 7.36
N SER A 147 -30.64 -11.57 6.14
CA SER A 147 -30.21 -10.19 5.91
C SER A 147 -28.79 -9.88 6.37
N GLU A 148 -27.97 -10.93 6.53
CA GLU A 148 -26.56 -10.72 6.83
C GLU A 148 -25.73 -11.52 5.84
N VAL A 149 -24.55 -11.01 5.51
CA VAL A 149 -23.66 -11.65 4.53
C VAL A 149 -23.08 -12.94 5.11
N LYS A 150 -23.18 -14.02 4.37
CA LYS A 150 -22.45 -15.24 4.69
C LYS A 150 -21.38 -15.43 3.60
N PHE A 151 -20.14 -15.70 3.98
CA PHE A 151 -19.08 -15.94 3.00
C PHE A 151 -19.12 -17.39 2.55
N LEU A 152 -19.11 -17.60 1.24
CA LEU A 152 -19.19 -18.93 0.64
C LEU A 152 -17.81 -19.56 0.35
N ASN A 153 -17.02 -18.89 -0.50
CA ASN A 153 -15.69 -19.36 -0.84
C ASN A 153 -14.86 -18.26 -1.48
N CYS A 154 -13.56 -18.51 -1.62
CA CYS A 154 -12.69 -17.77 -2.53
C CYS A 154 -12.48 -18.62 -3.76
N GLU A 155 -12.56 -18.01 -4.92
CA GLU A 155 -12.47 -18.73 -6.17
C GLU A 155 -11.39 -18.09 -7.07
N CYS A 156 -10.46 -18.90 -7.57
CA CYS A 156 -9.45 -18.37 -8.48
C CYS A 156 -10.09 -18.07 -9.82
N ILE A 157 -10.04 -16.80 -10.25
CA ILE A 157 -10.62 -16.39 -11.53
C ILE A 157 -9.60 -15.87 -12.56
N ARG A 158 -8.34 -15.65 -12.12
CA ARG A 158 -7.21 -15.34 -13.01
C ARG A 158 -5.95 -15.97 -12.47
N LYS A 159 -5.01 -16.32 -13.35
CA LYS A 159 -3.74 -16.95 -12.98
C LYS A 159 -2.68 -16.73 -14.03
N ILE A 160 -1.50 -16.28 -13.59
CA ILE A 160 -0.34 -16.21 -14.48
C ILE A 160 0.88 -16.63 -13.68
N ASN A 161 1.92 -17.09 -14.37
CA ASN A 161 3.19 -17.35 -13.70
C ASN A 161 4.26 -16.54 -14.43
N LEU A 162 5.06 -15.81 -13.66
CA LEU A 162 6.00 -14.87 -14.23
C LEU A 162 7.18 -15.55 -14.89
N LYS A 163 7.32 -16.85 -14.62
CA LYS A 163 8.27 -17.69 -15.34
C LYS A 163 8.04 -17.69 -16.85
N ASN A 164 6.79 -17.46 -17.28
CA ASN A 164 6.48 -17.26 -18.70
C ASN A 164 7.28 -16.15 -19.39
N PHE A 165 7.83 -15.23 -18.60
CA PHE A 165 8.65 -14.15 -19.14
C PHE A 165 10.13 -14.52 -19.22
N GLY A 166 10.46 -15.75 -18.84
CA GLY A 166 11.77 -16.34 -19.08
C GLY A 166 12.88 -16.08 -18.08
N LYS A 167 12.66 -15.18 -17.12
CA LYS A 167 13.74 -14.77 -16.21
C LYS A 167 13.56 -15.29 -14.77
N ASN A 168 12.61 -16.22 -14.59
CA ASN A 168 12.35 -16.81 -13.27
C ASN A 168 11.94 -15.78 -12.21
N GLU A 169 11.11 -14.83 -12.60
CA GLU A 169 10.75 -13.75 -11.70
C GLU A 169 9.60 -14.15 -10.79
N TYR A 170 9.49 -13.42 -9.68
CA TYR A 170 8.25 -13.40 -8.91
C TYR A 170 7.92 -11.95 -8.57
N ALA A 171 6.64 -11.67 -8.36
CA ALA A 171 6.19 -10.31 -7.99
C ALA A 171 6.48 -10.09 -6.49
N VAL A 172 7.10 -8.95 -6.17
CA VAL A 172 7.31 -8.57 -4.75
C VAL A 172 6.30 -7.51 -4.27
N ARG A 173 5.80 -6.72 -5.21
CA ARG A 173 4.82 -5.64 -4.92
C ARG A 173 3.86 -5.52 -6.06
N MET A 174 2.62 -5.11 -5.79
CA MET A 174 1.65 -4.90 -6.86
C MET A 174 0.78 -3.70 -6.53
N ARG A 175 0.25 -3.08 -7.58
CA ARG A 175 -0.76 -2.05 -7.48
CA ARG A 175 -0.75 -2.03 -7.50
C ARG A 175 -1.79 -2.30 -8.56
N ALA A 176 -3.02 -1.91 -8.30
CA ALA A 176 -4.11 -2.06 -9.26
C ALA A 176 -4.75 -0.70 -9.52
N PHE A 177 -5.31 -0.56 -10.71
CA PHE A 177 -6.03 0.66 -11.09
C PHE A 177 -7.14 0.24 -12.03
N VAL A 178 -8.36 0.60 -11.66
CA VAL A 178 -9.53 0.34 -12.47
C VAL A 178 -10.41 1.60 -12.52
N ASN A 179 -10.76 2.01 -13.73
CA ASN A 179 -11.80 3.02 -13.97
C ASN A 179 -12.63 2.55 -15.16
N GLU A 180 -13.36 3.44 -15.85
CA GLU A 180 -14.22 3.02 -16.95
CA GLU A 180 -14.21 2.97 -16.95
C GLU A 180 -13.39 2.71 -18.20
N GLU A 181 -12.19 3.28 -18.26
CA GLU A 181 -11.28 3.15 -19.40
C GLU A 181 -10.17 2.09 -19.25
N LYS A 182 -9.65 1.92 -18.03
CA LYS A 182 -8.42 1.16 -17.76
C LYS A 182 -8.66 0.09 -16.70
N SER A 183 -7.85 -0.97 -16.76
CA SER A 183 -8.07 -2.18 -15.97
C SER A 183 -6.68 -2.79 -15.78
N LEU A 184 -5.87 -2.22 -14.89
CA LEU A 184 -4.44 -2.50 -14.89
C LEU A 184 -3.96 -3.11 -13.58
N LEU A 185 -3.09 -4.12 -13.72
CA LEU A 185 -2.36 -4.68 -12.59
C LEU A 185 -0.88 -4.47 -12.81
N VAL A 186 -0.24 -3.76 -11.89
CA VAL A 186 1.15 -3.40 -12.02
C VAL A 186 1.98 -4.22 -11.03
N ALA A 187 2.88 -5.04 -11.55
CA ALA A 187 3.70 -5.91 -10.70
C ALA A 187 5.18 -5.54 -10.75
N LEU A 188 5.76 -5.18 -9.59
CA LEU A 188 7.20 -5.10 -9.40
C LEU A 188 7.80 -6.48 -9.15
N THR A 189 8.78 -6.88 -9.93
CA THR A 189 9.44 -8.20 -9.73
C THR A 189 10.70 -8.11 -8.89
N ASN A 190 11.17 -9.27 -8.43
CA ASN A 190 12.40 -9.40 -7.66
C ASN A 190 13.63 -8.98 -8.46
N LEU A 191 13.48 -8.86 -9.79
CA LEU A 191 14.57 -8.39 -10.66
C LEU A 191 14.40 -6.92 -11.02
N SER A 192 13.69 -6.17 -10.17
CA SER A 192 13.40 -4.74 -10.38
C SER A 192 12.79 -4.38 -11.73
N ARG A 193 12.03 -5.28 -12.34
CA ARG A 193 11.24 -4.90 -13.50
C ARG A 193 9.84 -4.64 -13.04
N VAL A 194 9.14 -3.80 -13.77
CA VAL A 194 7.74 -3.53 -13.49
C VAL A 194 7.00 -3.94 -14.71
N ILE A 195 6.12 -4.92 -14.55
CA ILE A 195 5.34 -5.44 -15.65
C ILE A 195 3.92 -4.98 -15.47
N ILE A 196 3.32 -4.47 -16.53
CA ILE A 196 1.95 -3.97 -16.46
C ILE A 196 1.02 -4.90 -17.21
N PHE A 197 0.01 -5.42 -16.52
CA PHE A 197 -0.93 -6.36 -17.09
C PHE A 197 -2.29 -5.74 -17.21
N ASP A 198 -3.06 -6.17 -18.21
CA ASP A 198 -4.48 -5.90 -18.19
C ASP A 198 -5.16 -6.93 -17.29
N ILE A 199 -6.01 -6.48 -16.37
CA ILE A 199 -6.68 -7.41 -15.46
C ILE A 199 -7.62 -8.37 -16.22
N ARG A 200 -8.23 -7.87 -17.29
CA ARG A 200 -9.20 -8.65 -18.06
C ARG A 200 -8.65 -9.96 -18.65
N THR A 201 -7.36 -9.95 -19.04
CA THR A 201 -6.70 -11.09 -19.68
C THR A 201 -5.41 -11.53 -19.01
N LEU A 202 -4.86 -10.64 -18.19
CA LEU A 202 -3.49 -10.78 -17.66
C LEU A 202 -2.43 -10.84 -18.79
N GLU A 203 -2.76 -10.25 -19.94
CA GLU A 203 -1.79 -9.95 -20.98
C GLU A 203 -0.82 -8.86 -20.49
N ARG A 204 0.47 -9.07 -20.75
CA ARG A 204 1.51 -8.06 -20.52
C ARG A 204 1.31 -6.92 -21.52
N LEU A 205 1.22 -5.69 -21.03
CA LEU A 205 1.03 -4.53 -21.92
C LEU A 205 2.32 -3.71 -22.10
N GLN A 206 3.14 -3.69 -21.06
CA GLN A 206 4.31 -2.84 -20.98
C GLN A 206 5.24 -3.42 -19.93
N ILE A 207 6.54 -3.36 -20.19
CA ILE A 207 7.53 -3.60 -19.15
C ILE A 207 8.39 -2.35 -18.98
N ILE A 208 8.48 -1.85 -17.74
CA ILE A 208 9.38 -0.76 -17.41
C ILE A 208 10.60 -1.32 -16.68
N GLU A 209 11.79 -1.00 -17.18
CA GLU A 209 13.01 -1.44 -16.54
C GLU A 209 13.81 -0.24 -16.09
N ASN A 210 13.85 0.00 -14.78
CA ASN A 210 14.67 1.03 -14.18
C ASN A 210 16.18 0.68 -14.25
N SER A 211 17.03 1.70 -14.35
CA SER A 211 18.46 1.46 -14.48
C SER A 211 19.05 0.78 -13.24
N PRO A 212 19.80 -0.33 -13.42
CA PRO A 212 20.45 -0.96 -12.25
C PRO A 212 21.44 -0.04 -11.57
N ARG A 213 21.82 1.05 -12.24
CA ARG A 213 22.76 2.01 -11.64
C ARG A 213 22.12 2.87 -10.56
N HIS A 214 20.80 2.74 -10.40
CA HIS A 214 20.07 3.40 -9.32
C HIS A 214 19.75 2.47 -8.16
N GLY A 215 20.32 1.25 -8.20
CA GLY A 215 20.04 0.27 -7.15
C GLY A 215 18.90 -0.63 -7.56
N ALA A 216 18.36 -1.37 -6.61
CA ALA A 216 17.20 -2.21 -6.87
C ALA A 216 15.92 -1.41 -6.63
N VAL A 217 14.86 -1.70 -7.37
CA VAL A 217 13.57 -1.03 -7.09
C VAL A 217 12.93 -1.66 -5.86
N SER A 218 12.71 -0.85 -4.83
CA SER A 218 12.12 -1.33 -3.59
C SER A 218 10.66 -0.96 -3.37
N SER A 219 10.12 -0.04 -4.20
CA SER A 219 8.75 0.41 -4.02
C SER A 219 8.16 0.98 -5.30
N ILE A 220 6.83 0.91 -5.41
CA ILE A 220 6.12 1.41 -6.57
C ILE A 220 4.79 2.01 -6.15
N CYS A 221 4.32 2.99 -6.90
CA CYS A 221 2.95 3.42 -6.83
C CYS A 221 2.59 4.03 -8.16
N ILE A 222 1.30 4.13 -8.41
CA ILE A 222 0.83 4.75 -9.60
C ILE A 222 0.08 6.02 -9.18
N ASP A 223 0.03 6.99 -10.09
CA ASP A 223 -0.56 8.23 -9.72
C ASP A 223 -2.08 8.12 -9.95
N GLU A 224 -2.78 9.20 -9.56
CA GLU A 224 -4.21 9.26 -9.54
C GLU A 224 -4.75 8.92 -10.92
N GLU A 225 -4.01 9.38 -11.91
CA GLU A 225 -4.38 9.31 -13.32
C GLU A 225 -3.97 8.00 -14.00
N CYS A 226 -3.29 7.12 -13.28
CA CYS A 226 -2.62 5.95 -13.87
C CYS A 226 -1.83 6.26 -15.15
N CYS A 227 -1.06 7.34 -15.13
CA CYS A 227 -0.30 7.73 -16.30
C CYS A 227 1.17 7.57 -16.04
N VAL A 228 1.53 7.59 -14.76
CA VAL A 228 2.92 7.63 -14.34
C VAL A 228 3.20 6.52 -13.31
N LEU A 229 4.39 5.93 -13.40
CA LEU A 229 4.86 4.97 -12.42
C LEU A 229 5.93 5.66 -11.61
N ILE A 230 5.74 5.68 -10.30
CA ILE A 230 6.73 6.25 -9.39
C ILE A 230 7.43 5.08 -8.72
N LEU A 231 8.74 5.04 -8.89
CA LEU A 231 9.62 3.98 -8.33
C LEU A 231 10.55 4.55 -7.25
N GLY A 232 10.72 3.83 -6.13
CA GLY A 232 11.75 4.17 -5.16
C GLY A 232 12.77 3.06 -5.16
N THR A 233 14.04 3.42 -4.97
CA THR A 233 15.12 2.42 -5.04
C THR A 233 15.82 2.21 -3.72
N THR A 234 16.64 1.17 -3.68
CA THR A 234 17.46 0.88 -2.52
C THR A 234 18.53 1.93 -2.27
N ARG A 235 18.87 2.74 -3.27
CA ARG A 235 19.80 3.84 -3.05
C ARG A 235 19.17 5.23 -2.88
N GLY A 236 17.89 5.24 -2.47
CA GLY A 236 17.23 6.46 -2.07
C GLY A 236 16.82 7.34 -3.22
N ILE A 237 16.66 6.74 -4.39
CA ILE A 237 16.33 7.50 -5.59
C ILE A 237 14.86 7.29 -5.94
N ILE A 238 14.20 8.38 -6.33
CA ILE A 238 12.85 8.34 -6.87
C ILE A 238 12.98 8.57 -8.37
N ASP A 239 12.48 7.60 -9.13
CA ASP A 239 12.48 7.61 -10.58
C ASP A 239 11.01 7.54 -11.02
N ILE A 240 10.59 8.50 -11.86
CA ILE A 240 9.22 8.55 -12.35
C ILE A 240 9.18 8.28 -13.84
N TRP A 241 8.36 7.31 -14.23
CA TRP A 241 8.25 6.84 -15.61
C TRP A 241 6.90 7.18 -16.21
N ASP A 242 6.93 7.76 -17.41
CA ASP A 242 5.71 7.85 -18.20
C ASP A 242 5.43 6.48 -18.75
N ILE A 243 4.22 5.99 -18.50
CA ILE A 243 3.84 4.63 -18.85
C ILE A 243 3.64 4.50 -20.35
N ARG A 244 2.97 5.47 -20.95
CA ARG A 244 2.59 5.37 -22.36
C ARG A 244 3.82 5.39 -23.25
N PHE A 245 4.80 6.21 -22.90
CA PHE A 245 5.97 6.41 -23.74
C PHE A 245 7.17 5.61 -23.27
N ASN A 246 7.07 5.03 -22.08
CA ASN A 246 8.16 4.30 -21.45
C ASN A 246 9.41 5.18 -21.37
N VAL A 247 9.27 6.34 -20.73
CA VAL A 247 10.34 7.34 -20.66
C VAL A 247 10.50 7.77 -19.22
N LEU A 248 11.75 7.85 -18.76
CA LEU A 248 12.06 8.39 -17.45
C LEU A 248 11.87 9.91 -17.48
N ILE A 249 10.97 10.45 -16.66
CA ILE A 249 10.64 11.89 -16.72
C ILE A 249 11.11 12.74 -15.53
N ARG A 250 11.50 12.08 -14.43
CA ARG A 250 12.01 12.72 -13.21
C ARG A 250 12.87 11.68 -12.51
N SER A 251 14.03 12.10 -12.02
CA SER A 251 14.87 11.26 -11.13
C SER A 251 15.48 12.15 -10.11
N TRP A 252 15.40 11.78 -8.84
CA TRP A 252 16.07 12.56 -7.81
C TRP A 252 16.29 11.79 -6.51
N SER A 253 17.28 12.24 -5.74
CA SER A 253 17.46 11.79 -4.38
C SER A 253 17.48 12.99 -3.44
N PHE A 254 17.69 12.74 -2.15
CA PHE A 254 17.75 13.78 -1.14
C PHE A 254 18.27 13.16 0.15
N GLY A 255 18.43 13.99 1.16
CA GLY A 255 18.83 13.54 2.50
C GLY A 255 20.11 12.73 2.50
N ASP A 256 20.08 11.61 3.20
CA ASP A 256 21.21 10.67 3.23
C ASP A 256 20.99 9.45 2.33
N HIS A 257 20.14 9.62 1.32
CA HIS A 257 19.74 8.56 0.38
C HIS A 257 19.49 7.15 0.98
N ALA A 258 18.73 7.10 2.07
CA ALA A 258 18.32 5.82 2.66
C ALA A 258 17.31 5.14 1.72
N PRO A 259 17.19 3.80 1.78
CA PRO A 259 16.29 3.15 0.83
C PRO A 259 14.88 3.71 0.89
N ILE A 260 14.21 3.73 -0.25
CA ILE A 260 12.80 4.13 -0.33
C ILE A 260 11.93 2.88 -0.20
N THR A 261 11.26 2.75 0.94
CA THR A 261 10.48 1.56 1.26
C THR A 261 9.00 1.68 0.94
N HIS A 262 8.49 2.91 0.77
CA HIS A 262 7.09 3.13 0.43
CA HIS A 262 7.10 3.11 0.36
C HIS A 262 6.98 4.44 -0.35
N VAL A 263 6.19 4.44 -1.42
CA VAL A 263 5.77 5.67 -2.13
C VAL A 263 4.26 5.52 -2.30
N GLU A 264 3.52 6.59 -2.04
CA GLU A 264 2.09 6.53 -2.18
C GLU A 264 1.59 7.92 -2.55
N VAL A 265 0.76 8.04 -3.57
CA VAL A 265 0.27 9.38 -3.97
CA VAL A 265 0.29 9.39 -3.96
C VAL A 265 -0.66 9.93 -2.89
N CYS A 266 -0.64 11.25 -2.70
CA CYS A 266 -1.45 11.83 -1.65
C CYS A 266 -2.47 12.75 -2.31
N GLN A 267 -3.69 12.24 -2.48
CA GLN A 267 -4.77 12.95 -3.14
C GLN A 267 -5.12 14.26 -2.44
N PHE A 268 -5.00 14.25 -1.11
CA PHE A 268 -5.33 15.42 -0.29
C PHE A 268 -4.63 16.71 -0.77
N TYR A 269 -3.37 16.58 -1.16
CA TYR A 269 -2.63 17.77 -1.58
C TYR A 269 -2.80 18.12 -3.04
N GLY A 270 -3.24 17.14 -3.82
CA GLY A 270 -3.50 17.34 -5.24
C GLY A 270 -2.98 16.14 -6.02
N LYS A 271 -2.98 16.25 -7.34
CA LYS A 271 -2.65 15.10 -8.19
C LYS A 271 -1.17 14.93 -8.47
N ASN A 272 -0.36 15.87 -8.02
CA ASN A 272 1.06 15.81 -8.26
C ASN A 272 1.87 15.62 -6.98
N SER A 273 1.22 15.11 -5.93
CA SER A 273 1.86 14.99 -4.64
C SER A 273 2.05 13.50 -4.27
N VAL A 274 3.24 13.20 -3.75
CA VAL A 274 3.56 11.80 -3.34
C VAL A 274 4.18 11.78 -1.92
N ILE A 275 3.77 10.78 -1.14
CA ILE A 275 4.36 10.50 0.16
C ILE A 275 5.54 9.54 -0.07
N VAL A 276 6.70 9.84 0.49
CA VAL A 276 7.89 9.03 0.36
C VAL A 276 8.27 8.57 1.78
N VAL A 277 8.48 7.25 1.95
CA VAL A 277 9.01 6.74 3.22
C VAL A 277 10.38 6.21 2.91
N GLY A 278 11.36 6.72 3.65
CA GLY A 278 12.78 6.49 3.40
C GLY A 278 13.42 7.68 2.72
N GLY A 279 14.62 7.51 2.18
CA GLY A 279 15.28 8.58 1.44
C GLY A 279 16.08 9.47 2.38
N SER A 280 15.39 9.99 3.39
CA SER A 280 15.98 10.58 4.56
C SER A 280 15.69 9.74 5.77
N SER A 281 16.74 9.29 6.44
CA SER A 281 16.61 8.57 7.72
C SER A 281 16.17 9.45 8.91
N LYS A 282 16.05 10.76 8.68
CA LYS A 282 15.63 11.69 9.75
C LYS A 282 14.10 11.92 9.80
N THR A 283 13.34 11.25 8.93
CA THR A 283 11.92 11.51 8.80
C THR A 283 11.09 10.25 8.92
N PHE A 284 9.88 10.41 9.44
CA PHE A 284 8.84 9.42 9.29
C PHE A 284 8.49 9.28 7.81
N LEU A 285 8.30 10.44 7.15
CA LEU A 285 7.94 10.49 5.74
C LEU A 285 8.17 11.91 5.23
N THR A 286 8.29 12.06 3.92
CA THR A 286 8.25 13.40 3.31
C THR A 286 7.13 13.41 2.29
N ILE A 287 6.70 14.62 1.91
CA ILE A 287 5.71 14.74 0.86
C ILE A 287 6.27 15.67 -0.22
N TRP A 288 6.27 15.20 -1.46
CA TRP A 288 6.91 15.86 -2.58
C TRP A 288 5.93 16.23 -3.66
N ASN A 289 6.13 17.39 -4.29
CA ASN A 289 5.44 17.61 -5.54
C ASN A 289 6.34 17.03 -6.58
N PHE A 290 5.90 15.96 -7.24
CA PHE A 290 6.78 15.26 -8.15
C PHE A 290 6.86 15.85 -9.58
N VAL A 291 6.00 16.82 -9.85
CA VAL A 291 6.09 17.57 -11.11
C VAL A 291 7.13 18.69 -10.92
N LYS A 292 7.00 19.43 -9.82
CA LYS A 292 7.90 20.55 -9.52
C LYS A 292 9.24 20.08 -8.98
N GLY A 293 9.28 18.85 -8.47
CA GLY A 293 10.51 18.23 -7.99
C GLY A 293 10.90 18.78 -6.64
N HIS A 294 9.89 19.07 -5.82
CA HIS A 294 10.08 19.88 -4.64
C HIS A 294 9.43 19.29 -3.35
N CYS A 295 10.17 19.33 -2.24
CA CYS A 295 9.66 18.83 -0.93
C CYS A 295 8.75 19.83 -0.20
N GLN A 296 7.46 19.48 -0.08
CA GLN A 296 6.45 20.34 0.55
C GLN A 296 6.45 20.14 2.08
N TYR A 297 6.59 18.89 2.54
CA TYR A 297 6.48 18.57 3.98
C TYR A 297 7.52 17.52 4.33
N ALA A 298 8.05 17.65 5.54
CA ALA A 298 8.94 16.63 6.11
C ALA A 298 8.54 16.41 7.54
N PHE A 299 8.11 15.18 7.84
CA PHE A 299 7.65 14.84 9.18
C PHE A 299 8.86 14.20 9.87
N ILE A 300 9.46 14.92 10.82
CA ILE A 300 10.77 14.57 11.41
C ILE A 300 10.57 13.54 12.53
N ASN A 301 11.40 12.49 12.54
CA ASN A 301 11.27 11.45 13.58
C ASN A 301 11.98 11.80 14.91
N SER A 302 12.18 13.09 15.14
CA SER A 302 12.72 13.63 16.41
C SER A 302 12.31 15.10 16.58
N ASP A 303 12.84 15.76 17.62
CA ASP A 303 12.56 17.20 17.79
C ASP A 303 13.67 18.10 17.24
N GLU A 304 14.62 17.50 16.53
CA GLU A 304 15.74 18.21 15.95
C GLU A 304 15.48 18.43 14.46
N GLN A 305 15.48 19.68 14.00
CA GLN A 305 15.26 19.88 12.57
C GLN A 305 16.53 19.71 11.72
N PRO A 306 16.44 18.92 10.64
CA PRO A 306 17.57 18.85 9.71
C PRO A 306 17.71 20.18 8.97
N SER A 307 18.82 20.37 8.26
CA SER A 307 19.00 21.56 7.45
C SER A 307 17.96 21.61 6.33
N MET A 308 17.64 22.81 5.88
CA MET A 308 16.78 22.97 4.72
C MET A 308 17.37 22.18 3.54
N GLU A 309 18.69 22.24 3.41
CA GLU A 309 19.44 21.61 2.32
C GLU A 309 19.28 20.09 2.24
N HIS A 310 18.97 19.46 3.38
CA HIS A 310 18.75 18.01 3.49
C HIS A 310 17.58 17.60 2.59
N PHE A 311 16.67 18.53 2.30
CA PHE A 311 15.48 18.25 1.49
C PHE A 311 15.46 18.81 0.07
N LEU A 312 16.61 19.32 -0.38
CA LEU A 312 16.74 19.73 -1.76
C LEU A 312 16.91 18.50 -2.64
N PRO A 313 16.29 18.49 -3.84
CA PRO A 313 16.51 17.33 -4.68
C PRO A 313 17.94 17.25 -5.23
N ILE A 314 18.51 16.05 -5.26
CA ILE A 314 19.79 15.81 -5.92
C ILE A 314 19.45 15.19 -7.25
N GLU A 315 19.96 15.78 -8.33
CA GLU A 315 19.60 15.32 -9.67
C GLU A 315 20.78 14.74 -10.44
N LYS A 316 21.98 15.09 -9.98
CA LYS A 316 23.21 14.65 -10.61
CA LYS A 316 23.24 14.69 -10.60
C LYS A 316 23.99 13.76 -9.66
N GLY A 317 24.81 12.87 -10.22
CA GLY A 317 25.62 11.94 -9.44
C GLY A 317 24.86 10.80 -8.80
N LEU A 318 23.67 10.50 -9.33
CA LEU A 318 22.80 9.47 -8.75
C LEU A 318 23.38 8.07 -8.90
N GLU A 319 24.09 7.85 -10.01
CA GLU A 319 24.78 6.57 -10.26
C GLU A 319 25.99 6.35 -9.33
N GLU A 320 26.35 7.36 -8.54
CA GLU A 320 27.48 7.24 -7.63
C GLU A 320 27.03 7.12 -6.18
N LEU A 321 25.73 7.10 -5.94
CA LEU A 321 25.17 6.94 -4.58
C LEU A 321 25.34 5.52 -4.07
N ASN A 322 25.91 5.36 -2.87
CA ASN A 322 26.12 4.03 -2.33
C ASN A 322 24.86 3.53 -1.65
N PHE A 323 24.69 2.20 -1.59
CA PHE A 323 23.59 1.57 -0.86
C PHE A 323 23.91 1.56 0.63
N CYS A 324 23.03 2.17 1.44
CA CYS A 324 23.26 2.34 2.88
C CYS A 324 22.76 1.21 3.80
N GLY A 325 21.91 0.33 3.28
CA GLY A 325 21.24 -0.69 4.09
C GLY A 325 20.08 -0.15 4.92
N ILE A 326 19.51 -1.03 5.73
CA ILE A 326 18.37 -0.72 6.57
C ILE A 326 18.88 -0.66 8.01
N ARG A 327 18.87 0.54 8.59
CA ARG A 327 19.72 0.81 9.75
C ARG A 327 19.01 1.05 11.07
N SER A 328 17.68 0.97 11.07
CA SER A 328 16.92 1.38 12.24
C SER A 328 15.54 0.76 12.19
N LEU A 329 14.94 0.58 13.35
CA LEU A 329 13.51 0.25 13.43
C LEU A 329 12.65 1.33 12.75
N ASN A 330 13.18 2.56 12.68
CA ASN A 330 12.48 3.70 12.05
C ASN A 330 12.18 3.40 10.61
N ALA A 331 13.08 2.63 9.99
CA ALA A 331 12.97 2.28 8.58
C ALA A 331 11.79 1.37 8.23
N LEU A 332 11.16 0.75 9.24
CA LEU A 332 10.16 -0.29 8.99
C LEU A 332 8.70 0.21 8.91
N SER A 333 8.52 1.53 9.05
CA SER A 333 7.21 2.12 8.98
C SER A 333 6.37 1.62 7.82
N THR A 334 5.14 1.27 8.15
CA THR A 334 4.15 0.93 7.16
C THR A 334 2.99 1.89 7.37
N ILE A 335 2.27 2.21 6.31
CA ILE A 335 1.28 3.29 6.42
C ILE A 335 -0.06 2.93 5.83
N SER A 336 -1.07 3.73 6.17
CA SER A 336 -2.36 3.65 5.56
C SER A 336 -2.83 5.11 5.41
N VAL A 337 -3.20 5.48 4.21
CA VAL A 337 -3.62 6.88 3.93
C VAL A 337 -5.13 6.91 3.86
N SER A 338 -5.76 7.85 4.56
CA SER A 338 -7.20 7.99 4.49
C SER A 338 -7.56 9.49 4.32
N ASN A 339 -7.70 9.93 3.07
CA ASN A 339 -7.87 11.36 2.71
C ASN A 339 -6.89 12.28 3.41
N ASP A 340 -7.34 12.96 4.47
CA ASP A 340 -6.51 13.93 5.16
C ASP A 340 -5.79 13.37 6.39
N LYS A 341 -5.73 12.03 6.50
CA LYS A 341 -5.00 11.39 7.62
C LYS A 341 -4.02 10.39 7.04
N ILE A 342 -2.80 10.41 7.56
CA ILE A 342 -1.81 9.34 7.34
C ILE A 342 -1.55 8.59 8.67
N LEU A 343 -1.82 7.29 8.66
CA LEU A 343 -1.52 6.41 9.81
C LEU A 343 -0.20 5.75 9.53
N LEU A 344 0.71 5.82 10.49
CA LEU A 344 2.07 5.33 10.30
C LEU A 344 2.56 4.62 11.54
N THR A 345 3.04 3.41 11.31
CA THR A 345 3.60 2.62 12.36
C THR A 345 4.99 3.14 12.76
N ASP A 346 5.23 3.31 14.07
CA ASP A 346 6.55 3.71 14.57
C ASP A 346 7.18 2.63 15.49
N GLU A 347 7.96 1.72 14.91
CA GLU A 347 8.40 0.56 15.68
C GLU A 347 9.31 0.93 16.85
N ALA A 348 10.11 1.98 16.69
CA ALA A 348 11.01 2.41 17.78
C ALA A 348 10.27 2.74 19.09
N THR A 349 9.03 3.21 19.02
CA THR A 349 8.32 3.57 20.25
C THR A 349 7.07 2.75 20.44
N SER A 350 6.90 1.68 19.65
CA SER A 350 5.75 0.77 19.76
C SER A 350 4.43 1.50 19.59
N SER A 351 4.36 2.35 18.59
CA SER A 351 3.19 3.17 18.46
C SER A 351 2.77 3.31 17.01
N ILE A 352 1.56 3.84 16.84
CA ILE A 352 1.03 4.20 15.55
C ILE A 352 0.65 5.69 15.60
N VAL A 353 1.25 6.44 14.68
CA VAL A 353 1.08 7.91 14.64
C VAL A 353 -0.03 8.21 13.66
N MET A 354 -0.90 9.16 14.00
CA MET A 354 -1.87 9.62 13.02
C MET A 354 -1.48 11.08 12.69
N PHE A 355 -1.08 11.33 11.47
CA PHE A 355 -0.75 12.68 11.00
C PHE A 355 -2.04 13.28 10.43
N SER A 356 -2.40 14.48 10.93
CA SER A 356 -3.62 15.20 10.54
C SER A 356 -3.21 16.24 9.48
N LEU A 357 -3.29 15.87 8.20
CA LEU A 357 -2.88 16.76 7.08
C LEU A 357 -3.74 18.03 7.05
N ASN A 358 -4.92 17.97 7.67
CA ASN A 358 -5.90 19.08 7.73
C ASN A 358 -5.51 20.10 8.80
N GLU A 359 -4.67 19.65 9.74
CA GLU A 359 -4.20 20.48 10.84
C GLU A 359 -3.04 19.74 11.48
N LEU A 360 -1.82 19.98 11.01
CA LEU A 360 -0.66 19.18 11.49
C LEU A 360 -0.42 19.19 12.99
N SER A 361 -0.72 20.32 13.65
CA SER A 361 -0.55 20.40 15.10
C SER A 361 -1.46 19.40 15.86
N SER A 362 -2.45 18.81 15.19
CA SER A 362 -3.37 17.85 15.82
C SER A 362 -2.88 16.43 15.63
N SER A 363 -1.70 16.27 15.00
CA SER A 363 -1.06 14.96 14.79
C SER A 363 -0.75 14.35 16.17
N LYS A 364 -0.87 13.02 16.31
CA LYS A 364 -0.66 12.40 17.62
C LYS A 364 -0.40 10.90 17.45
N ALA A 365 0.20 10.30 18.45
CA ALA A 365 0.35 8.83 18.49
C ALA A 365 -0.98 8.28 18.96
N VAL A 366 -1.84 7.86 18.05
CA VAL A 366 -3.18 7.39 18.41
C VAL A 366 -3.16 6.13 19.24
N ILE A 367 -2.18 5.28 18.95
CA ILE A 367 -1.99 4.02 19.64
C ILE A 367 -0.56 4.08 20.13
N SER A 368 -0.36 3.99 21.44
CA SER A 368 0.99 4.00 22.01
C SER A 368 0.97 3.48 23.45
N PRO A 369 2.16 3.17 24.03
CA PRO A 369 2.19 2.79 25.45
C PRO A 369 1.73 3.93 26.37
N PHE A 372 4.33 7.52 25.15
CA PHE A 372 3.59 8.31 26.14
C PHE A 372 2.58 9.28 25.48
N SER A 373 2.78 10.59 25.66
CA SER A 373 1.86 11.64 25.14
C SER A 373 2.56 12.71 24.27
N ASP A 374 3.02 12.30 23.08
CA ASP A 374 3.84 13.13 22.18
CA ASP A 374 3.85 13.16 22.23
C ASP A 374 3.09 14.29 21.53
N VAL A 375 3.82 15.36 21.19
CA VAL A 375 3.22 16.49 20.49
C VAL A 375 3.98 16.77 19.23
N PHE A 376 3.25 17.21 18.21
CA PHE A 376 3.85 17.45 16.91
C PHE A 376 3.71 18.94 16.65
N ILE A 377 4.82 19.58 16.26
CA ILE A 377 4.91 21.05 16.09
C ILE A 377 5.32 21.42 14.66
N PRO A 378 4.37 21.97 13.88
CA PRO A 378 4.67 22.36 12.51
C PRO A 378 5.45 23.66 12.48
N THR A 379 6.54 23.70 11.71
CA THR A 379 7.37 24.90 11.57
C THR A 379 7.57 25.18 10.11
N GLN A 380 7.16 26.36 9.65
CA GLN A 380 7.40 26.70 8.26
C GLN A 380 8.84 27.12 8.12
N VAL A 381 9.59 26.43 7.26
CA VAL A 381 11.03 26.62 7.20
C VAL A 381 11.43 27.46 5.98
N THR A 382 10.71 27.27 4.88
CA THR A 382 10.81 28.15 3.73
C THR A 382 9.38 28.45 3.23
N ALA A 383 9.23 29.32 2.24
CA ALA A 383 7.90 29.60 1.68
C ALA A 383 7.15 28.31 1.26
N ASN A 384 7.92 27.26 1.00
CA ASN A 384 7.48 26.07 0.29
C ASN A 384 7.63 24.79 1.12
N LEU A 385 8.23 24.89 2.30
CA LEU A 385 8.53 23.69 3.11
C LEU A 385 8.15 23.85 4.55
N THR A 386 7.31 22.92 5.04
CA THR A 386 7.01 22.86 6.47
C THR A 386 7.59 21.57 7.03
N MET A 387 8.29 21.70 8.15
CA MET A 387 8.76 20.53 8.90
C MET A 387 7.86 20.30 10.11
N LEU A 388 7.47 19.04 10.38
CA LEU A 388 6.69 18.73 11.56
C LEU A 388 7.62 18.06 12.57
N LEU A 389 7.89 18.71 13.70
CA LEU A 389 8.81 18.18 14.72
C LEU A 389 8.03 17.37 15.72
N ARG A 390 8.64 16.30 16.24
CA ARG A 390 8.01 15.49 17.27
C ARG A 390 8.71 15.74 18.61
N LYS A 391 7.95 16.18 19.58
CA LYS A 391 8.48 16.48 20.89
C LYS A 391 7.96 15.41 21.85
N MET A 392 8.89 14.74 22.50
CA MET A 392 8.61 13.57 23.35
C MET A 392 7.99 13.95 24.69
N LYS A 393 7.07 13.10 25.14
CA LYS A 393 6.36 13.24 26.42
C LYS A 393 7.31 13.13 27.61
N HIS A 407 5.87 -6.94 22.03
CA HIS A 407 5.19 -6.45 20.81
C HIS A 407 5.99 -6.83 19.57
N ASP A 408 5.37 -7.53 18.61
CA ASP A 408 6.08 -7.92 17.39
C ASP A 408 5.92 -6.88 16.28
N ILE A 409 6.88 -6.86 15.37
CA ILE A 409 6.90 -5.87 14.25
C ILE A 409 5.64 -5.96 13.39
N ILE A 410 4.97 -4.82 13.17
CA ILE A 410 3.79 -4.78 12.31
C ILE A 410 4.19 -4.73 10.84
N ASN A 411 3.62 -5.65 10.07
CA ASN A 411 3.94 -5.75 8.66
C ASN A 411 2.98 -4.95 7.82
N SER A 412 1.77 -4.76 8.30
CA SER A 412 0.69 -4.22 7.46
C SER A 412 -0.34 -3.54 8.35
N ILE A 413 -0.84 -2.35 7.94
CA ILE A 413 -1.99 -1.77 8.61
C ILE A 413 -3.09 -1.41 7.59
N SER A 414 -4.34 -1.50 8.02
CA SER A 414 -5.48 -1.19 7.14
C SER A 414 -6.47 -0.36 7.95
N THR A 415 -7.22 0.49 7.26
CA THR A 415 -8.22 1.36 7.93
C THR A 415 -9.51 1.31 7.16
N CYS A 416 -10.66 1.31 7.86
CA CYS A 416 -11.94 1.33 7.22
C CYS A 416 -12.93 1.77 8.28
N GLU A 417 -14.19 1.77 7.88
CA GLU A 417 -15.29 2.00 8.80
C GLU A 417 -16.15 0.76 8.85
N VAL A 418 -16.62 0.44 10.04
CA VAL A 418 -17.71 -0.52 10.21
C VAL A 418 -18.87 0.22 10.85
N ASP A 419 -19.91 0.52 10.06
CA ASP A 419 -21.10 1.28 10.52
C ASP A 419 -20.77 2.66 11.07
N GLU A 420 -20.17 3.52 10.25
CA GLU A 420 -19.49 4.69 10.80
C GLU A 420 -18.52 4.07 11.80
N THR A 421 -17.86 4.83 12.64
CA THR A 421 -16.89 4.19 13.53
C THR A 421 -15.70 3.66 12.72
N PRO A 422 -14.61 4.43 12.72
CA PRO A 422 -13.37 4.01 12.14
C PRO A 422 -12.77 2.84 12.90
N LEU A 423 -11.99 2.06 12.19
CA LEU A 423 -11.19 1.05 12.84
C LEU A 423 -9.89 0.86 12.06
N LEU A 424 -8.86 0.47 12.81
CA LEU A 424 -7.54 0.18 12.25
C LEU A 424 -7.23 -1.29 12.56
N VAL A 425 -6.67 -1.97 11.56
CA VAL A 425 -6.25 -3.37 11.72
C VAL A 425 -4.74 -3.40 11.56
N ALA A 426 -4.04 -4.00 12.54
CA ALA A 426 -2.61 -4.20 12.43
C ALA A 426 -2.29 -5.72 12.39
N CYS A 427 -1.43 -6.10 11.46
CA CYS A 427 -1.03 -7.52 11.31
C CYS A 427 0.46 -7.61 11.48
N ASP A 428 0.94 -8.57 12.28
CA ASP A 428 2.34 -8.56 12.70
C ASP A 428 3.12 -9.78 12.22
N ASN A 429 4.45 -9.78 12.38
CA ASN A 429 5.28 -10.80 11.74
C ASN A 429 5.27 -12.13 12.49
N SER A 430 4.45 -12.20 13.54
CA SER A 430 4.31 -13.45 14.30
C SER A 430 2.92 -14.08 14.09
N GLY A 431 2.10 -13.44 13.25
CA GLY A 431 0.79 -13.96 12.89
C GLY A 431 -0.36 -13.45 13.69
N LEU A 432 -0.14 -12.40 14.44
CA LEU A 432 -1.21 -11.82 15.24
C LEU A 432 -1.88 -10.63 14.52
N ILE A 433 -3.20 -10.54 14.63
CA ILE A 433 -3.98 -9.38 14.15
C ILE A 433 -4.52 -8.59 15.36
N GLY A 434 -4.31 -7.27 15.38
CA GLY A 434 -4.93 -6.45 16.43
C GLY A 434 -5.94 -5.54 15.77
N ILE A 435 -7.10 -5.39 16.41
CA ILE A 435 -8.20 -4.59 15.89
C ILE A 435 -8.50 -3.48 16.87
N PHE A 436 -8.38 -2.24 16.37
CA PHE A 436 -8.44 -1.02 17.21
C PHE A 436 -9.59 -0.15 16.76
N GLN A 437 -10.36 0.36 17.71
CA GLN A 437 -11.37 1.37 17.39
C GLN A 437 -10.93 2.72 17.93
#